data_2RBA
#
_entry.id   2RBA
#
_cell.length_a   162.133
_cell.length_b   162.133
_cell.length_c   56.142
_cell.angle_alpha   90.00
_cell.angle_beta   90.00
_cell.angle_gamma   120.00
#
_symmetry.space_group_name_H-M   'P 65'
#
loop_
_entity.id
_entity.type
_entity.pdbx_description
1 polymer "DNA (5'-D(*DCP*DAP*DGP*DCP*DTP*DCP*DTP*DGP*DTP*DAP*DCP*DGP*DTP*DGP*DAP*DGP*DCP*DAP*DGP*DTP*DGP*DGP*DA)-3')"
2 polymer "DNA (5'-D(*DCP*DCP*DAP*DCP*DTP*DGP*DCP*DTP*DCP*DAP*(3DR)P*DGP*DTP*DAP*DCP*DAP*DGP*DAP*DGP*DCP*DTP*DGP*DT)-3')"
3 polymer 'G/T mismatch-specific thymine DNA glycosylase'
#
loop_
_entity_poly.entity_id
_entity_poly.type
_entity_poly.pdbx_seq_one_letter_code
_entity_poly.pdbx_strand_id
1 'polydeoxyribonucleotide'
;(DC)(DA)(DG)(DC)(DT)(DC)(DT)(DG)(DT)(DA)(DC)(DG)(DT)(DG)(DA)(DG)(DC)(DA)(DG)(DT)
(DG)(DG)(DA)
;
C
2 'polydeoxyribonucleotide'
;(DC)(DC)(DA)(DC)(DT)(DG)(DC)(DT)(DC)(DA)(3DR)(DG)(DT)(DA)(DC)(DA)(DG)(DA)(DG)
(DC)(DT)(DG)(DT)
;
D
3 'polypeptide(L)'
;GSHMASFNGVSEAELLTKTLPDILTFNLDIVIIGINPGLMAAYKGHHYPGPGNHFWKCLFMSGLSEVQLNHMDDHTLPGK
YGIGFTNMVERTTPGSKDLSSKEFREGGRILVQKLQKYQPRIAVFNGKCIYEIFSKEVFGVKVKNLEFGLQPHKIPDTET
LCYVMPSSSARCAQFPRAQDKVHYYIKLKDLRDQLKGIERNMDV
;
A,B
#
# COMPACT_ATOMS: atom_id res chain seq x y z
N THR C 19 9.38 0.32 -13.17
CA THR C 19 8.97 0.00 -11.75
C THR C 19 8.57 -1.47 -11.62
N LEU C 20 7.56 -1.91 -12.39
CA LEU C 20 7.15 -3.33 -12.48
C LEU C 20 7.38 -3.78 -13.90
N PRO C 21 8.19 -4.82 -14.10
CA PRO C 21 8.60 -5.04 -15.51
C PRO C 21 7.66 -6.00 -16.24
N ASP C 22 7.39 -5.77 -17.53
CA ASP C 22 6.57 -6.68 -18.33
C ASP C 22 7.22 -8.05 -18.28
N ILE C 23 6.47 -9.12 -18.44
CA ILE C 23 7.13 -10.42 -18.62
C ILE C 23 6.50 -10.97 -19.88
N LEU C 24 7.22 -10.95 -20.99
CA LEU C 24 6.60 -11.11 -22.28
C LEU C 24 7.51 -11.88 -23.20
N THR C 25 6.97 -12.83 -23.93
CA THR C 25 7.83 -13.44 -24.92
C THR C 25 7.04 -13.41 -26.20
N PHE C 26 7.50 -14.15 -27.19
CA PHE C 26 6.73 -14.36 -28.36
C PHE C 26 6.12 -15.72 -28.09
N ASN C 27 5.06 -16.09 -28.81
CA ASN C 27 4.46 -17.43 -28.68
C ASN C 27 3.71 -17.63 -27.36
N LEU C 28 3.28 -16.56 -26.70
CA LEU C 28 2.47 -16.81 -25.53
C LEU C 28 0.96 -17.14 -25.85
N ASP C 29 0.38 -18.12 -25.14
CA ASP C 29 -1.00 -18.34 -25.11
C ASP C 29 -1.65 -17.11 -24.52
N ILE C 30 -1.27 -16.79 -23.28
CA ILE C 30 -2.13 -15.91 -22.49
C ILE C 30 -1.27 -14.75 -22.06
N VAL C 31 -1.86 -13.54 -21.91
CA VAL C 31 -1.13 -12.46 -21.35
C VAL C 31 -2.02 -11.63 -20.34
N ILE C 32 -1.77 -11.77 -19.03
CA ILE C 32 -2.71 -11.19 -18.10
C ILE C 32 -2.51 -9.70 -18.20
N ILE C 33 -3.53 -8.89 -18.22
CA ILE C 33 -3.23 -7.49 -18.38
C ILE C 33 -3.89 -6.83 -17.21
N GLY C 34 -3.09 -6.30 -16.30
CA GLY C 34 -3.65 -5.63 -15.13
C GLY C 34 -3.86 -4.22 -15.47
N ILE C 35 -4.50 -3.49 -14.58
CA ILE C 35 -4.82 -2.08 -14.84
C ILE C 35 -3.53 -1.30 -14.82
N ASN C 36 -2.66 -1.65 -13.89
CA ASN C 36 -1.50 -0.83 -13.48
C ASN C 36 -0.95 -1.39 -12.20
N PRO C 37 0.22 -0.90 -11.78
CA PRO C 37 0.83 -1.68 -10.72
C PRO C 37 0.64 -0.95 -9.34
N GLY C 38 0.01 -1.63 -8.41
CA GLY C 38 -0.30 -0.95 -7.14
C GLY C 38 0.87 -0.93 -6.19
N LEU C 39 0.70 -0.18 -5.11
CA LEU C 39 1.70 -0.09 -4.08
C LEU C 39 2.43 -1.36 -3.69
N MET C 40 1.80 -2.49 -3.46
CA MET C 40 2.67 -3.65 -3.15
C MET C 40 3.60 -4.00 -4.24
N ALA C 41 3.04 -4.07 -5.45
CA ALA C 41 3.70 -4.73 -6.58
C ALA C 41 4.88 -3.85 -6.98
N ALA C 42 4.58 -2.56 -7.15
CA ALA C 42 5.60 -1.53 -7.22
C ALA C 42 6.64 -1.87 -6.18
N TYR C 43 6.28 -1.85 -4.89
CA TYR C 43 7.26 -2.09 -3.84
C TYR C 43 8.03 -3.37 -4.05
N LYS C 44 7.40 -4.45 -4.47
CA LYS C 44 8.24 -5.62 -4.62
C LYS C 44 8.59 -6.15 -6.02
N GLY C 45 8.42 -5.34 -7.05
CA GLY C 45 8.86 -5.72 -8.41
C GLY C 45 8.40 -7.11 -8.89
N HIS C 46 7.10 -7.39 -8.81
CA HIS C 46 6.56 -8.74 -8.95
C HIS C 46 5.06 -8.66 -8.99
N HIS C 47 4.44 -9.48 -9.84
CA HIS C 47 3.05 -9.25 -10.26
C HIS C 47 2.02 -9.94 -9.33
N TYR C 48 1.01 -9.18 -8.86
CA TYR C 48 -0.04 -9.80 -8.03
C TYR C 48 0.50 -10.33 -6.69
N PRO C 49 1.24 -9.49 -5.90
CA PRO C 49 1.69 -10.00 -4.61
C PRO C 49 0.52 -10.20 -3.63
N GLY C 50 -0.30 -9.18 -3.31
CA GLY C 50 -1.40 -9.33 -2.33
C GLY C 50 -0.98 -10.24 -1.13
N PRO C 51 -1.74 -11.36 -0.84
CA PRO C 51 -3.20 -11.52 -1.11
C PRO C 51 -3.83 -10.41 -0.30
N GLY C 52 -5.03 -9.94 -0.64
CA GLY C 52 -5.86 -10.52 -1.68
C GLY C 52 -5.57 -10.06 -3.10
N ASN C 53 -4.77 -10.87 -3.75
CA ASN C 53 -5.08 -11.19 -5.07
C ASN C 53 -5.40 -12.64 -5.04
N HIS C 54 -6.44 -12.94 -5.80
CA HIS C 54 -6.84 -14.28 -6.03
C HIS C 54 -6.18 -14.75 -7.27
N PHE C 55 -5.50 -13.85 -7.96
CA PHE C 55 -4.74 -14.27 -9.09
C PHE C 55 -3.88 -15.55 -8.91
N TRP C 56 -2.84 -15.52 -8.10
CA TRP C 56 -2.00 -16.73 -7.94
C TRP C 56 -2.83 -17.92 -7.47
N LYS C 57 -3.95 -17.63 -6.84
CA LYS C 57 -4.82 -18.69 -6.32
C LYS C 57 -5.54 -19.39 -7.44
N CYS C 58 -6.37 -18.58 -8.10
CA CYS C 58 -7.15 -19.02 -9.23
C CYS C 58 -6.34 -19.88 -10.20
N LEU C 59 -5.27 -19.31 -10.73
CA LEU C 59 -4.37 -20.01 -11.60
C LEU C 59 -4.18 -21.44 -11.19
N PHE C 60 -4.03 -21.62 -9.91
CA PHE C 60 -3.75 -22.95 -9.46
C PHE C 60 -5.08 -23.71 -9.43
N MET C 61 -6.07 -23.16 -8.75
CA MET C 61 -7.29 -23.92 -8.57
C MET C 61 -8.18 -23.88 -9.84
N SER C 62 -7.79 -23.07 -10.82
CA SER C 62 -8.37 -23.14 -12.17
C SER C 62 -7.65 -24.24 -12.96
N GLY C 63 -6.63 -24.85 -12.37
CA GLY C 63 -5.84 -25.75 -13.17
C GLY C 63 -4.82 -25.13 -14.13
N LEU C 64 -4.75 -23.80 -14.22
CA LEU C 64 -3.77 -23.23 -15.11
C LEU C 64 -2.31 -23.42 -14.71
N SER C 65 -2.02 -23.66 -13.41
CA SER C 65 -0.70 -24.24 -12.96
C SER C 65 -0.99 -25.46 -12.14
N GLU C 66 0.03 -26.26 -11.86
CA GLU C 66 -0.19 -27.59 -11.27
C GLU C 66 0.34 -27.68 -9.82
N VAL C 67 0.89 -26.57 -9.38
CA VAL C 67 1.20 -26.28 -7.99
C VAL C 67 0.79 -24.82 -7.85
N GLN C 68 0.49 -24.43 -6.60
CA GLN C 68 0.08 -23.07 -6.25
C GLN C 68 1.36 -22.34 -6.04
N LEU C 69 1.54 -21.26 -6.79
CA LEU C 69 2.76 -20.50 -6.75
C LEU C 69 2.40 -19.08 -6.43
N ASN C 70 3.33 -18.15 -6.65
CA ASN C 70 3.15 -16.75 -6.25
C ASN C 70 4.02 -15.75 -6.99
N HIS C 71 3.90 -14.48 -6.58
CA HIS C 71 4.41 -13.36 -7.32
C HIS C 71 5.86 -13.46 -7.65
N MET C 72 6.55 -14.44 -7.08
CA MET C 72 7.95 -14.58 -7.35
C MET C 72 8.28 -15.68 -8.37
N ASP C 73 7.26 -16.31 -8.92
CA ASP C 73 7.46 -17.24 -10.01
C ASP C 73 6.99 -16.54 -11.29
N ASP C 74 6.53 -15.31 -11.12
CA ASP C 74 6.01 -14.54 -12.19
C ASP C 74 6.85 -14.48 -13.46
N HIS C 75 8.10 -14.27 -13.34
CA HIS C 75 8.99 -14.40 -14.48
C HIS C 75 9.19 -15.85 -14.98
N THR C 76 8.54 -16.87 -14.40
CA THR C 76 8.72 -18.23 -14.98
C THR C 76 7.50 -18.60 -15.83
N LEU C 77 6.52 -17.73 -15.78
CA LEU C 77 5.29 -18.02 -16.43
C LEU C 77 5.31 -18.12 -17.96
N PRO C 78 6.11 -17.32 -18.68
CA PRO C 78 6.33 -17.80 -20.04
C PRO C 78 6.81 -19.24 -20.12
N GLY C 79 8.07 -19.45 -20.42
CA GLY C 79 8.60 -20.77 -20.71
C GLY C 79 8.10 -22.00 -20.00
N LYS C 80 7.36 -21.85 -18.91
CA LYS C 80 6.84 -23.02 -18.20
C LYS C 80 5.32 -23.23 -18.42
N TYR C 81 4.55 -22.13 -18.48
CA TYR C 81 3.11 -22.18 -18.75
C TYR C 81 2.68 -21.24 -19.91
N GLY C 82 3.66 -20.76 -20.67
CA GLY C 82 3.36 -19.81 -21.73
C GLY C 82 2.39 -18.78 -21.28
N ILE C 83 2.62 -18.18 -20.09
CA ILE C 83 1.86 -16.99 -19.66
C ILE C 83 2.81 -15.81 -19.43
N GLY C 84 2.31 -14.59 -19.65
CA GLY C 84 3.15 -13.42 -19.54
C GLY C 84 2.38 -12.34 -18.85
N PHE C 85 3.01 -11.22 -18.48
CA PHE C 85 2.23 -10.20 -17.71
C PHE C 85 2.40 -8.77 -18.20
N THR C 86 1.46 -7.89 -17.93
CA THR C 86 1.75 -6.50 -18.22
C THR C 86 0.65 -5.59 -17.76
N ASN C 87 0.69 -4.30 -17.93
CA ASN C 87 -0.53 -3.58 -17.47
C ASN C 87 -0.78 -2.53 -18.41
N MET C 88 -1.99 -2.02 -18.34
CA MET C 88 -2.45 -1.10 -19.32
C MET C 88 -1.71 0.16 -19.10
N VAL C 89 -1.86 0.70 -17.89
CA VAL C 89 -1.13 1.89 -17.44
C VAL C 89 -0.01 1.47 -16.55
N GLU C 90 0.95 2.35 -16.36
CA GLU C 90 2.23 1.91 -15.85
C GLU C 90 2.69 2.65 -14.60
N ARG C 91 2.30 3.90 -14.41
CA ARG C 91 2.46 4.60 -13.12
C ARG C 91 1.98 3.76 -11.94
N THR C 92 2.69 3.84 -10.81
CA THR C 92 2.20 3.27 -9.57
C THR C 92 1.18 4.15 -8.87
N THR C 93 0.07 3.55 -8.51
CA THR C 93 -0.95 4.18 -7.70
C THR C 93 -1.54 3.08 -6.84
N PRO C 94 -2.26 3.48 -5.78
CA PRO C 94 -2.78 2.69 -4.66
C PRO C 94 -3.39 1.27 -4.79
N GLY C 95 -4.43 0.99 -5.62
CA GLY C 95 -4.73 1.60 -6.96
C GLY C 95 -5.32 2.99 -6.96
N SER C 96 -6.10 3.39 -7.98
CA SER C 96 -6.74 2.62 -9.06
C SER C 96 -7.90 3.49 -9.54
N LYS C 97 -8.77 3.84 -8.61
CA LYS C 97 -9.74 4.83 -8.88
C LYS C 97 -9.05 6.21 -8.97
N ASP C 98 -7.73 6.21 -9.22
CA ASP C 98 -6.96 7.48 -9.30
C ASP C 98 -5.98 7.63 -10.47
N LEU C 99 -6.07 6.68 -11.41
CA LEU C 99 -5.53 6.82 -12.76
C LEU C 99 -6.35 7.86 -13.57
N SER C 100 -5.67 8.85 -14.14
CA SER C 100 -6.32 9.95 -14.85
C SER C 100 -7.25 9.47 -16.00
N SER C 101 -8.12 10.40 -16.48
CA SER C 101 -8.95 10.09 -17.66
C SER C 101 -8.04 9.70 -18.87
N LYS C 102 -7.32 10.74 -19.34
CA LYS C 102 -6.14 10.65 -20.23
C LYS C 102 -5.32 9.33 -20.06
N GLU C 103 -4.24 9.37 -19.27
CA GLU C 103 -3.44 8.19 -18.88
C GLU C 103 -3.85 6.83 -19.49
N PHE C 104 -4.98 6.30 -19.00
CA PHE C 104 -5.66 5.15 -19.58
C PHE C 104 -5.73 5.11 -21.11
N ARG C 105 -6.23 6.16 -21.72
CA ARG C 105 -6.20 6.19 -23.18
C ARG C 105 -4.74 5.91 -23.61
N GLU C 106 -3.82 6.85 -23.36
CA GLU C 106 -2.41 6.67 -23.77
C GLU C 106 -1.83 5.31 -23.37
N GLY C 107 -2.34 4.79 -22.26
CA GLY C 107 -1.88 3.51 -21.77
C GLY C 107 -2.14 2.55 -22.89
N GLY C 108 -3.37 2.61 -23.40
CA GLY C 108 -3.90 1.64 -24.37
C GLY C 108 -3.22 1.66 -25.71
N ARG C 109 -2.82 2.86 -26.15
CA ARG C 109 -1.98 2.95 -27.31
C ARG C 109 -0.72 2.12 -27.08
N ILE C 110 -0.01 2.32 -25.98
CA ILE C 110 1.17 1.47 -25.81
C ILE C 110 0.78 -0.01 -25.74
N LEU C 111 -0.30 -0.32 -25.05
CA LEU C 111 -0.58 -1.71 -24.78
C LEU C 111 -0.89 -2.40 -26.10
N VAL C 112 -1.56 -1.68 -27.00
CA VAL C 112 -1.87 -2.34 -28.24
C VAL C 112 -0.57 -2.75 -28.90
N GLN C 113 0.33 -1.76 -29.06
CA GLN C 113 1.60 -1.97 -29.75
C GLN C 113 2.33 -3.21 -29.25
N LYS C 114 2.44 -3.34 -27.94
CA LYS C 114 3.02 -4.53 -27.39
C LYS C 114 2.35 -5.80 -27.88
N LEU C 115 1.02 -5.83 -27.82
CA LEU C 115 0.32 -7.06 -28.24
C LEU C 115 0.50 -7.31 -29.76
N GLN C 116 0.62 -6.26 -30.55
CA GLN C 116 1.00 -6.50 -31.94
C GLN C 116 2.46 -6.85 -32.02
N LYS C 117 3.24 -6.47 -31.02
CA LYS C 117 4.65 -6.86 -31.04
C LYS C 117 4.73 -8.36 -30.81
N TYR C 118 4.02 -8.83 -29.78
CA TYR C 118 4.24 -10.14 -29.20
C TYR C 118 3.21 -11.16 -29.61
N GLN C 119 2.00 -10.73 -29.91
CA GLN C 119 0.96 -11.61 -30.44
C GLN C 119 0.64 -12.92 -29.69
N PRO C 120 0.22 -12.80 -28.41
CA PRO C 120 -0.19 -14.03 -27.68
C PRO C 120 -1.49 -14.55 -28.24
N ARG C 121 -1.67 -15.86 -28.28
CA ARG C 121 -2.97 -16.39 -28.58
C ARG C 121 -4.05 -15.52 -27.93
N ILE C 122 -4.01 -15.22 -26.62
CA ILE C 122 -5.05 -14.33 -26.02
C ILE C 122 -4.55 -13.27 -25.05
N ALA C 123 -5.28 -12.17 -25.06
CA ALA C 123 -5.08 -11.10 -24.23
C ALA C 123 -6.16 -11.09 -23.11
N VAL C 124 -5.85 -11.70 -21.94
CA VAL C 124 -6.81 -11.54 -20.84
C VAL C 124 -6.84 -10.14 -20.19
N PHE C 125 -7.96 -9.44 -20.18
CA PHE C 125 -7.98 -8.25 -19.36
C PHE C 125 -8.44 -8.57 -17.96
N ASN C 126 -7.55 -8.37 -17.01
CA ASN C 126 -7.92 -8.42 -15.62
C ASN C 126 -8.82 -7.27 -15.17
N GLY C 127 -10.11 -7.53 -15.13
CA GLY C 127 -11.01 -6.55 -14.57
C GLY C 127 -11.66 -5.86 -15.74
N LYS C 128 -12.84 -5.31 -15.52
CA LYS C 128 -13.60 -4.60 -16.54
C LYS C 128 -12.95 -3.34 -17.01
N CYS C 129 -13.05 -2.31 -16.17
CA CYS C 129 -12.90 -0.91 -16.63
C CYS C 129 -11.68 -0.74 -17.54
N ILE C 130 -10.66 -1.61 -17.40
CA ILE C 130 -9.60 -1.50 -18.40
C ILE C 130 -10.13 -1.77 -19.81
N TYR C 131 -10.47 -3.04 -20.11
CA TYR C 131 -11.17 -3.36 -21.35
C TYR C 131 -12.30 -2.41 -21.61
N GLU C 132 -13.20 -2.32 -20.66
CA GLU C 132 -14.23 -1.32 -20.74
C GLU C 132 -13.70 -0.08 -21.41
N ILE C 133 -12.51 0.36 -21.00
CA ILE C 133 -11.90 1.59 -21.52
C ILE C 133 -11.04 1.39 -22.77
N PHE C 134 -10.26 0.31 -22.77
CA PHE C 134 -9.45 -0.13 -23.92
C PHE C 134 -10.29 -0.20 -25.16
N SER C 135 -11.39 -0.93 -25.06
CA SER C 135 -12.37 -1.03 -26.11
C SER C 135 -12.90 0.33 -26.43
N LYS C 136 -13.20 1.11 -25.39
CA LYS C 136 -13.79 2.43 -25.64
C LYS C 136 -12.85 3.20 -26.57
N GLU C 137 -11.53 3.15 -26.24
CA GLU C 137 -10.44 3.69 -27.06
C GLU C 137 -10.15 2.94 -28.36
N VAL C 138 -9.59 1.74 -28.31
CA VAL C 138 -9.11 1.04 -29.52
C VAL C 138 -10.14 0.83 -30.62
N PHE C 139 -11.30 0.28 -30.27
CA PHE C 139 -12.24 -0.21 -31.26
C PHE C 139 -13.31 0.83 -31.57
N GLY C 140 -13.37 1.90 -30.79
CA GLY C 140 -14.46 2.89 -30.95
C GLY C 140 -15.78 2.44 -30.31
N VAL C 141 -15.77 1.37 -29.51
CA VAL C 141 -17.01 1.01 -28.75
C VAL C 141 -17.08 1.05 -27.21
N LYS C 142 -17.94 1.99 -26.78
CA LYS C 142 -18.63 1.98 -25.46
C LYS C 142 -19.56 0.74 -25.43
N VAL C 143 -19.15 -0.29 -24.68
CA VAL C 143 -19.86 -1.57 -24.68
C VAL C 143 -21.11 -1.56 -23.79
N LYS C 144 -22.25 -2.11 -24.44
CA LYS C 144 -23.49 -2.23 -23.53
C LYS C 144 -23.21 -3.44 -22.66
N ASN C 145 -23.71 -3.31 -21.38
CA ASN C 145 -23.66 -4.49 -20.50
C ASN C 145 -22.54 -5.51 -20.66
N LEU C 146 -21.33 -5.13 -20.34
CA LEU C 146 -20.25 -6.06 -20.66
C LEU C 146 -20.44 -7.39 -19.93
N GLU C 147 -20.18 -8.48 -20.60
CA GLU C 147 -20.10 -9.74 -19.87
C GLU C 147 -18.63 -10.07 -19.71
N PHE C 148 -18.31 -10.80 -18.67
CA PHE C 148 -17.03 -11.43 -18.69
C PHE C 148 -17.00 -12.44 -19.83
N GLY C 149 -15.83 -12.58 -20.42
CA GLY C 149 -15.49 -13.68 -21.31
C GLY C 149 -14.99 -13.12 -22.63
N LEU C 150 -14.83 -14.04 -23.59
CA LEU C 150 -14.52 -13.72 -24.98
C LEU C 150 -15.21 -12.51 -25.51
N GLN C 151 -14.51 -11.78 -26.33
CA GLN C 151 -15.09 -10.55 -26.82
C GLN C 151 -15.12 -10.57 -28.35
N PRO C 152 -15.96 -9.77 -28.98
CA PRO C 152 -16.22 -9.85 -30.39
C PRO C 152 -14.92 -9.71 -31.16
N HIS C 153 -14.23 -8.58 -30.90
CA HIS C 153 -13.06 -8.13 -31.66
C HIS C 153 -11.74 -8.78 -31.34
N LYS C 154 -10.96 -8.97 -32.41
CA LYS C 154 -9.54 -9.32 -32.31
C LYS C 154 -8.67 -8.08 -32.02
N ILE C 155 -7.40 -8.32 -31.66
CA ILE C 155 -6.44 -7.16 -31.62
C ILE C 155 -5.99 -6.68 -33.00
N PRO C 156 -6.21 -5.36 -33.25
CA PRO C 156 -6.13 -4.84 -34.62
C PRO C 156 -4.88 -5.31 -35.28
N ASP C 157 -5.03 -6.15 -36.28
CA ASP C 157 -3.91 -6.49 -37.12
C ASP C 157 -3.11 -7.54 -36.38
N THR C 158 -3.83 -8.49 -35.80
CA THR C 158 -3.21 -9.66 -35.16
C THR C 158 -4.31 -10.68 -35.01
N GLU C 159 -3.96 -11.96 -34.88
CA GLU C 159 -4.94 -13.00 -34.55
C GLU C 159 -5.22 -13.17 -33.03
N THR C 160 -4.93 -12.16 -32.22
CA THR C 160 -4.98 -12.22 -30.76
C THR C 160 -6.37 -11.92 -30.22
N LEU C 161 -6.87 -12.82 -29.37
CA LEU C 161 -8.26 -12.66 -28.83
C LEU C 161 -8.38 -11.75 -27.61
N CYS C 162 -9.54 -11.23 -27.25
CA CYS C 162 -9.65 -10.56 -25.95
C CYS C 162 -10.62 -11.21 -25.01
N TYR C 163 -10.15 -11.58 -23.84
CA TYR C 163 -10.97 -12.31 -22.91
C TYR C 163 -11.10 -11.50 -21.66
N VAL C 164 -12.20 -10.83 -21.45
CA VAL C 164 -12.30 -10.12 -20.14
C VAL C 164 -12.46 -11.03 -18.91
N MET C 165 -12.20 -10.49 -17.73
CA MET C 165 -12.10 -11.34 -16.52
C MET C 165 -12.27 -10.41 -15.32
N PRO C 166 -12.94 -10.90 -14.25
CA PRO C 166 -13.24 -9.88 -13.22
C PRO C 166 -11.96 -9.67 -12.37
N SER C 167 -11.77 -8.44 -11.89
CA SER C 167 -10.49 -8.03 -11.27
C SER C 167 -9.92 -9.00 -10.28
N SER C 168 -8.63 -9.19 -10.19
CA SER C 168 -8.25 -10.17 -9.17
C SER C 168 -7.96 -9.51 -7.79
N SER C 169 -7.93 -8.19 -7.83
CA SER C 169 -8.03 -7.34 -6.67
C SER C 169 -9.13 -7.87 -5.81
N ALA C 170 -9.00 -7.73 -4.51
CA ALA C 170 -10.09 -8.13 -3.67
C ALA C 170 -10.87 -6.89 -3.22
N ARG C 171 -10.62 -5.74 -3.86
CA ARG C 171 -11.27 -4.47 -3.47
C ARG C 171 -12.78 -4.55 -3.80
N CYS C 172 -13.13 -5.68 -4.40
CA CYS C 172 -14.29 -5.87 -5.25
C CYS C 172 -15.33 -6.81 -4.65
N ALA C 173 -16.43 -6.21 -4.25
CA ALA C 173 -17.39 -6.87 -3.40
C ALA C 173 -18.18 -7.96 -4.10
N GLN C 174 -18.35 -7.82 -5.41
CA GLN C 174 -19.36 -8.65 -6.04
C GLN C 174 -18.74 -9.89 -6.61
N PHE C 175 -17.50 -10.13 -6.21
CA PHE C 175 -16.89 -11.44 -6.36
C PHE C 175 -16.16 -11.76 -5.07
N PRO C 176 -16.91 -11.79 -3.96
CA PRO C 176 -16.34 -11.91 -2.62
C PRO C 176 -15.04 -12.71 -2.53
N ARG C 177 -15.07 -14.01 -2.84
CA ARG C 177 -13.91 -14.87 -2.62
C ARG C 177 -13.20 -15.18 -3.94
N ALA C 178 -11.96 -15.65 -3.84
CA ALA C 178 -11.22 -16.13 -4.97
C ALA C 178 -12.02 -17.15 -5.75
N GLN C 179 -12.75 -18.00 -5.05
CA GLN C 179 -13.52 -19.04 -5.72
C GLN C 179 -14.73 -18.51 -6.52
N ASP C 180 -15.12 -17.27 -6.28
CA ASP C 180 -16.14 -16.61 -7.11
C ASP C 180 -15.54 -16.16 -8.45
N LYS C 181 -14.39 -16.69 -8.83
CA LYS C 181 -13.66 -16.13 -9.96
C LYS C 181 -12.96 -17.19 -10.75
N VAL C 182 -12.60 -18.28 -10.07
CA VAL C 182 -11.95 -19.42 -10.71
C VAL C 182 -12.70 -19.78 -11.99
N HIS C 183 -14.03 -19.54 -12.02
CA HIS C 183 -14.85 -19.93 -13.17
C HIS C 183 -14.21 -19.42 -14.45
N TYR C 184 -14.04 -18.12 -14.57
CA TYR C 184 -13.30 -17.58 -15.70
C TYR C 184 -11.93 -18.17 -15.95
N TYR C 185 -11.31 -18.79 -14.96
CA TYR C 185 -10.00 -19.30 -15.25
C TYR C 185 -10.17 -20.63 -15.90
N ILE C 186 -11.21 -21.31 -15.49
CA ILE C 186 -11.42 -22.57 -16.14
C ILE C 186 -11.88 -22.30 -17.56
N LYS C 187 -12.53 -21.19 -17.79
CA LYS C 187 -12.93 -20.91 -19.14
C LYS C 187 -11.65 -20.59 -19.88
N LEU C 188 -11.01 -19.49 -19.48
CA LEU C 188 -9.72 -19.15 -20.01
C LEU C 188 -8.93 -20.38 -20.44
N LYS C 189 -8.67 -21.33 -19.56
CA LYS C 189 -8.00 -22.65 -19.96
C LYS C 189 -8.50 -23.21 -21.25
N ASP C 190 -9.79 -23.53 -21.24
CA ASP C 190 -10.55 -24.00 -22.41
C ASP C 190 -10.37 -23.16 -23.64
N LEU C 191 -10.60 -21.87 -23.54
CA LEU C 191 -10.50 -21.09 -24.75
C LEU C 191 -9.12 -21.33 -25.36
N ARG C 192 -8.09 -21.23 -24.53
CA ARG C 192 -6.74 -21.62 -24.95
C ARG C 192 -6.70 -23.05 -25.45
N ASP C 193 -7.10 -23.99 -24.62
CA ASP C 193 -7.22 -25.37 -25.05
C ASP C 193 -7.92 -25.67 -26.37
N GLN C 194 -8.90 -24.83 -26.76
CA GLN C 194 -9.56 -25.03 -28.05
C GLN C 194 -8.51 -24.59 -29.03
N LEU C 195 -8.31 -23.27 -29.10
CA LEU C 195 -7.39 -22.63 -30.02
C LEU C 195 -6.10 -23.36 -30.22
N LYS C 196 -5.72 -24.15 -29.23
CA LYS C 196 -4.52 -24.97 -29.33
C LYS C 196 -4.80 -26.23 -30.12
N GLY C 197 -5.55 -26.08 -31.19
CA GLY C 197 -5.39 -27.03 -32.28
C GLY C 197 -6.61 -27.51 -33.00
N ILE C 198 -7.13 -26.77 -33.97
CA ILE C 198 -6.56 -25.69 -34.82
C ILE C 198 -5.36 -25.67 -35.83
N GLU C 199 -4.04 -25.80 -35.57
CA GLU C 199 -3.21 -26.41 -34.50
C GLU C 199 -3.24 -27.94 -34.37
N ARG C 200 -3.76 -28.61 -35.41
CA ARG C 200 -3.99 -30.06 -35.42
C ARG C 200 -3.99 -30.73 -34.03
N THR D 19 10.97 7.49 0.33
CA THR D 19 11.29 7.88 1.75
C THR D 19 10.49 9.12 2.17
N LEU D 20 10.00 9.15 3.41
CA LEU D 20 9.10 10.21 3.89
C LEU D 20 9.87 11.23 4.74
N PRO D 21 9.66 12.53 4.46
CA PRO D 21 10.32 13.63 5.16
C PRO D 21 9.97 13.74 6.62
N ASP D 22 10.98 13.93 7.48
CA ASP D 22 10.74 14.29 8.84
C ASP D 22 10.05 15.64 8.82
N ILE D 23 9.20 15.95 9.81
CA ILE D 23 8.76 17.33 10.02
C ILE D 23 9.21 17.80 11.40
N LEU D 24 10.38 18.45 11.47
CA LEU D 24 10.96 18.82 12.76
C LEU D 24 11.43 20.24 12.79
N THR D 25 11.12 20.98 13.86
CA THR D 25 11.75 22.27 14.06
C THR D 25 12.28 22.38 15.46
N PHE D 26 12.83 23.51 15.82
CA PHE D 26 13.01 23.72 17.22
C PHE D 26 11.69 24.15 17.88
N ASN D 27 11.70 24.18 19.21
CA ASN D 27 10.56 24.63 20.01
C ASN D 27 9.28 23.84 19.85
N LEU D 28 9.38 22.53 19.69
CA LEU D 28 8.19 21.72 19.68
C LEU D 28 7.73 21.22 21.04
N ASP D 29 6.41 21.17 21.19
CA ASP D 29 5.78 20.54 22.30
C ASP D 29 5.83 19.07 22.08
N ILE D 30 5.43 18.62 20.89
CA ILE D 30 5.21 17.19 20.69
C ILE D 30 5.87 16.62 19.46
N VAL D 31 6.37 15.39 19.55
CA VAL D 31 6.82 14.73 18.34
C VAL D 31 6.26 13.33 18.15
N ILE D 32 5.40 13.12 17.13
CA ILE D 32 4.75 11.82 16.93
C ILE D 32 5.78 10.91 16.37
N ILE D 33 5.82 9.61 16.68
CA ILE D 33 7.01 8.88 16.31
C ILE D 33 6.72 7.45 15.89
N GLY D 34 6.67 7.23 14.56
CA GLY D 34 6.28 5.97 14.01
C GLY D 34 7.33 4.87 14.09
N ILE D 35 6.96 3.66 13.74
CA ILE D 35 7.97 2.66 13.51
C ILE D 35 8.77 3.09 12.28
N ASN D 36 8.13 3.77 11.33
CA ASN D 36 8.73 4.04 9.96
C ASN D 36 7.72 4.10 8.85
N PRO D 37 8.02 4.79 7.76
CA PRO D 37 6.86 5.16 6.99
C PRO D 37 6.35 3.93 6.14
N GLY D 38 5.05 3.85 5.87
CA GLY D 38 4.50 2.71 5.07
C GLY D 38 4.34 3.04 3.59
N LEU D 39 3.96 2.06 2.77
CA LEU D 39 3.77 2.30 1.36
C LEU D 39 2.87 3.48 1.14
N MET D 40 1.71 3.53 1.77
CA MET D 40 0.85 4.65 1.45
C MET D 40 1.55 5.97 1.71
N ALA D 41 2.18 6.06 2.87
CA ALA D 41 2.71 7.35 3.30
C ALA D 41 3.99 7.75 2.51
N ALA D 42 4.85 6.78 2.24
CA ALA D 42 5.87 7.00 1.25
C ALA D 42 5.17 7.63 0.02
N TYR D 43 4.10 6.99 -0.47
CA TYR D 43 3.49 7.40 -1.73
C TYR D 43 2.87 8.78 -1.70
N LYS D 44 2.05 9.07 -0.70
CA LYS D 44 1.42 10.40 -0.67
C LYS D 44 2.40 11.51 -0.32
N GLY D 45 3.54 11.14 0.24
CA GLY D 45 4.53 12.09 0.76
C GLY D 45 4.10 12.86 2.01
N HIS D 46 3.26 12.26 2.84
CA HIS D 46 2.79 12.93 4.03
C HIS D 46 2.56 11.90 5.07
N HIS D 47 2.33 12.37 6.30
CA HIS D 47 2.35 11.54 7.49
C HIS D 47 0.93 11.20 7.90
N TYR D 48 0.65 9.88 7.92
CA TYR D 48 -0.67 9.36 8.29
C TYR D 48 -1.81 9.67 7.33
N PRO D 49 -1.73 9.19 6.07
CA PRO D 49 -2.84 9.15 5.13
C PRO D 49 -3.73 7.89 5.29
N GLY D 50 -5.05 8.08 5.42
CA GLY D 50 -5.98 6.94 5.63
C GLY D 50 -7.13 6.83 4.63
N PRO D 51 -8.22 7.63 4.81
CA PRO D 51 -8.52 8.37 6.07
C PRO D 51 -9.00 7.38 7.16
N GLY D 52 -8.76 6.09 6.91
CA GLY D 52 -8.98 5.02 7.87
C GLY D 52 -8.25 5.30 9.18
N ASN D 53 -6.91 5.26 9.13
CA ASN D 53 -6.07 5.55 10.30
C ASN D 53 -6.50 6.80 11.11
N HIS D 54 -6.32 6.69 12.41
CA HIS D 54 -7.04 7.53 13.31
C HIS D 54 -6.30 8.77 13.69
N PHE D 55 -5.00 8.85 13.37
CA PHE D 55 -4.24 10.00 13.81
C PHE D 55 -4.95 11.35 13.67
N TRP D 56 -5.34 11.71 12.45
CA TRP D 56 -5.87 13.03 12.19
C TRP D 56 -7.18 13.29 12.87
N LYS D 57 -8.02 12.27 13.07
CA LYS D 57 -9.30 12.52 13.74
C LYS D 57 -9.02 12.75 15.21
N CYS D 58 -8.31 11.80 15.84
CA CYS D 58 -7.82 11.93 17.23
C CYS D 58 -7.36 13.36 17.51
N LEU D 59 -6.37 13.83 16.76
CA LEU D 59 -5.96 15.21 16.84
C LEU D 59 -7.10 16.24 16.87
N PHE D 60 -8.03 16.16 15.93
CA PHE D 60 -9.15 17.09 15.99
C PHE D 60 -10.01 16.86 17.24
N MET D 61 -10.23 15.59 17.53
CA MET D 61 -11.18 15.18 18.56
C MET D 61 -10.70 15.72 19.89
N SER D 62 -9.38 15.74 20.06
CA SER D 62 -8.82 16.05 21.35
C SER D 62 -8.61 17.52 21.53
N GLY D 63 -9.07 18.37 20.64
CA GLY D 63 -8.75 19.77 20.82
C GLY D 63 -7.28 20.03 20.62
N LEU D 64 -6.47 18.99 20.41
CA LEU D 64 -5.13 19.21 19.83
C LEU D 64 -5.11 20.02 18.50
N SER D 65 -6.09 19.83 17.61
CA SER D 65 -6.28 20.81 16.51
C SER D 65 -7.67 21.40 16.61
N GLU D 66 -7.81 22.68 16.26
CA GLU D 66 -9.12 23.35 16.40
C GLU D 66 -10.11 22.96 15.29
N VAL D 67 -9.60 22.67 14.11
CA VAL D 67 -10.46 22.14 13.06
C VAL D 67 -9.97 20.77 12.74
N GLN D 68 -10.57 20.15 11.75
CA GLN D 68 -10.24 18.78 11.41
C GLN D 68 -9.34 18.78 10.19
N LEU D 69 -8.10 18.34 10.37
CA LEU D 69 -7.14 18.40 9.27
C LEU D 69 -6.85 17.01 8.77
N ASN D 70 -6.02 16.94 7.74
CA ASN D 70 -5.62 15.66 7.17
C ASN D 70 -4.18 15.73 6.68
N HIS D 71 -3.70 14.59 6.21
CA HIS D 71 -2.27 14.36 5.98
C HIS D 71 -1.68 15.48 5.15
N MET D 72 -2.47 16.01 4.23
CA MET D 72 -2.06 17.16 3.41
C MET D 72 -1.62 18.37 4.23
N ASP D 73 -2.06 18.46 5.48
CA ASP D 73 -1.72 19.60 6.33
C ASP D 73 -0.55 19.35 7.26
N ASP D 74 0.09 18.19 7.16
CA ASP D 74 1.15 17.89 8.09
C ASP D 74 2.22 18.99 8.20
N HIS D 75 2.68 19.51 7.08
CA HIS D 75 3.69 20.57 7.08
C HIS D 75 3.41 21.77 7.95
N THR D 76 2.15 22.00 8.26
CA THR D 76 1.71 23.15 9.08
C THR D 76 1.79 22.84 10.59
N LEU D 77 1.87 21.58 10.95
CA LEU D 77 1.75 21.24 12.36
C LEU D 77 2.77 21.87 13.34
N PRO D 78 4.07 21.96 12.97
CA PRO D 78 5.03 22.65 13.85
C PRO D 78 4.65 24.10 14.08
N GLY D 79 4.66 24.92 13.06
CA GLY D 79 4.44 26.31 13.32
C GLY D 79 3.14 26.68 14.01
N LYS D 80 2.13 25.83 13.91
CA LYS D 80 0.76 26.29 14.22
C LYS D 80 0.11 25.46 15.32
N TYR D 81 0.65 24.27 15.58
CA TYR D 81 0.22 23.41 16.66
C TYR D 81 1.43 22.84 17.42
N GLY D 82 2.64 23.30 17.09
CA GLY D 82 3.85 22.84 17.74
C GLY D 82 3.95 21.32 17.81
N ILE D 83 3.78 20.67 16.65
CA ILE D 83 3.83 19.22 16.54
C ILE D 83 4.62 18.83 15.27
N GLY D 84 5.33 17.70 15.35
CA GLY D 84 6.22 17.28 14.26
C GLY D 84 6.21 15.76 14.22
N PHE D 85 6.85 15.20 13.20
CA PHE D 85 6.73 13.77 12.92
C PHE D 85 8.06 13.18 12.59
N THR D 86 8.22 11.86 12.87
CA THR D 86 9.39 11.09 12.39
C THR D 86 9.33 9.64 12.77
N ASN D 87 10.34 8.82 12.55
CA ASN D 87 10.21 7.40 12.97
C ASN D 87 11.51 6.74 13.35
N MET D 88 11.46 5.55 13.94
CA MET D 88 12.71 4.88 14.29
C MET D 88 13.47 4.63 13.05
N VAL D 89 12.85 3.93 12.09
CA VAL D 89 13.51 3.61 10.82
C VAL D 89 13.04 4.59 9.77
N GLU D 90 13.82 4.84 8.73
CA GLU D 90 13.30 5.63 7.63
C GLU D 90 13.01 4.79 6.38
N ARG D 91 13.67 3.65 6.23
CA ARG D 91 13.31 2.76 5.14
C ARG D 91 11.82 2.58 5.17
N THR D 92 11.24 2.58 3.98
CA THR D 92 9.80 2.44 3.85
C THR D 92 9.52 0.99 3.52
N THR D 93 8.68 0.34 4.31
CA THR D 93 8.21 -0.99 3.95
C THR D 93 6.71 -1.06 4.19
N PRO D 94 6.08 -2.21 3.83
CA PRO D 94 4.72 -2.67 4.07
C PRO D 94 4.36 -2.73 5.53
N GLY D 95 5.26 -3.22 6.37
CA GLY D 95 5.08 -3.14 7.81
C GLY D 95 6.32 -3.54 8.58
N SER D 96 6.40 -3.09 9.83
CA SER D 96 7.47 -3.49 10.76
C SER D 96 8.05 -4.91 10.57
N LYS D 97 7.21 -5.87 10.15
CA LYS D 97 7.63 -7.27 10.03
C LYS D 97 8.69 -7.45 8.94
N ASP D 98 9.06 -6.35 8.31
CA ASP D 98 9.95 -6.35 7.14
C ASP D 98 11.33 -5.82 7.52
N LEU D 99 11.41 -5.27 8.74
CA LEU D 99 12.65 -4.70 9.30
C LEU D 99 13.53 -5.66 10.14
N SER D 100 14.86 -5.55 10.02
CA SER D 100 15.71 -6.31 10.93
C SER D 100 15.89 -5.65 12.31
N SER D 101 16.29 -6.48 13.27
CA SER D 101 16.71 -6.02 14.60
C SER D 101 17.81 -4.98 14.38
N LYS D 102 18.85 -5.39 13.63
CA LYS D 102 19.96 -4.52 13.23
C LYS D 102 19.45 -3.16 12.81
N GLU D 103 18.49 -3.23 11.89
CA GLU D 103 17.97 -2.07 11.22
C GLU D 103 17.34 -1.08 12.18
N PHE D 104 16.82 -1.59 13.30
CA PHE D 104 16.20 -0.79 14.38
C PHE D 104 17.25 -0.15 15.30
N ARG D 105 18.40 -0.80 15.42
CA ARG D 105 19.43 -0.26 16.26
C ARG D 105 19.87 1.07 15.68
N GLU D 106 20.58 1.03 14.55
CA GLU D 106 20.96 2.24 13.82
C GLU D 106 19.77 3.23 13.81
N GLY D 107 18.57 2.69 13.93
CA GLY D 107 17.36 3.50 13.94
C GLY D 107 17.29 4.42 15.14
N GLY D 108 17.10 3.84 16.32
CA GLY D 108 16.86 4.63 17.51
C GLY D 108 18.13 5.35 17.88
N ARG D 109 19.27 4.83 17.43
CA ARG D 109 20.54 5.52 17.58
C ARG D 109 20.34 6.92 16.97
N ILE D 110 19.79 6.93 15.75
CA ILE D 110 19.65 8.13 14.93
C ILE D 110 18.47 8.97 15.44
N LEU D 111 17.53 8.33 16.09
CA LEU D 111 16.37 9.01 16.66
C LEU D 111 16.77 9.70 17.98
N VAL D 112 17.49 9.00 18.82
CA VAL D 112 17.99 9.65 20.00
C VAL D 112 18.71 10.89 19.51
N GLN D 113 19.50 10.77 18.44
CA GLN D 113 20.32 11.90 18.10
C GLN D 113 19.47 13.08 17.62
N LYS D 114 18.42 12.76 16.88
CA LYS D 114 17.49 13.81 16.49
C LYS D 114 16.89 14.52 17.72
N LEU D 115 16.32 13.76 18.64
CA LEU D 115 15.60 14.38 19.74
C LEU D 115 16.54 15.17 20.64
N GLN D 116 17.82 14.80 20.63
CA GLN D 116 18.82 15.52 21.39
C GLN D 116 19.03 16.85 20.68
N LYS D 117 18.82 16.85 19.37
CA LYS D 117 19.02 18.06 18.59
C LYS D 117 17.79 18.96 18.66
N TYR D 118 16.59 18.41 18.59
CA TYR D 118 15.42 19.26 18.40
C TYR D 118 14.77 19.55 19.74
N GLN D 119 14.78 18.51 20.57
CA GLN D 119 14.48 18.65 22.04
C GLN D 119 13.05 19.04 22.28
N PRO D 120 12.09 18.28 21.75
CA PRO D 120 10.77 18.67 22.07
C PRO D 120 10.48 18.30 23.52
N ARG D 121 9.41 18.89 24.01
CA ARG D 121 8.89 18.55 25.27
C ARG D 121 8.63 17.06 25.36
N ILE D 122 7.86 16.51 24.44
CA ILE D 122 7.42 15.12 24.61
C ILE D 122 7.63 14.32 23.30
N ALA D 123 8.30 13.16 23.43
CA ALA D 123 8.43 12.21 22.35
C ALA D 123 7.22 11.36 22.52
N VAL D 124 6.30 11.34 21.56
CA VAL D 124 5.13 10.46 21.66
C VAL D 124 5.33 9.24 20.77
N PHE D 125 5.21 8.04 21.31
CA PHE D 125 5.39 6.80 20.55
C PHE D 125 4.11 6.19 20.01
N ASN D 126 4.00 6.01 18.68
CA ASN D 126 2.93 5.23 18.16
C ASN D 126 2.99 3.75 18.54
N GLY D 127 2.27 3.46 19.63
CA GLY D 127 1.96 2.11 19.98
C GLY D 127 3.05 1.46 20.78
N LYS D 128 2.61 0.60 21.67
CA LYS D 128 3.42 -0.02 22.66
C LYS D 128 4.58 -0.54 21.90
N CYS D 129 4.29 -1.26 20.83
CA CYS D 129 5.33 -1.89 20.03
C CYS D 129 6.60 -1.06 19.91
N ILE D 130 6.49 0.10 19.28
CA ILE D 130 7.70 0.85 19.02
C ILE D 130 8.49 1.19 20.31
N TYR D 131 7.82 1.67 21.36
CA TYR D 131 8.49 1.98 22.63
C TYR D 131 9.14 0.75 23.21
N GLU D 132 8.35 -0.29 23.37
CA GLU D 132 8.82 -1.56 23.86
C GLU D 132 10.20 -1.85 23.25
N ILE D 133 10.42 -1.45 22.00
CA ILE D 133 11.75 -1.63 21.39
C ILE D 133 12.75 -0.67 21.99
N PHE D 134 12.51 0.63 21.74
CA PHE D 134 13.30 1.78 22.23
C PHE D 134 13.81 1.60 23.66
N SER D 135 12.94 1.13 24.53
CA SER D 135 13.23 0.90 25.90
C SER D 135 14.27 -0.16 26.00
N LYS D 136 13.99 -1.37 25.51
CA LYS D 136 15.04 -2.39 25.58
C LYS D 136 16.04 -2.22 24.41
N GLU D 137 16.65 -1.04 24.39
CA GLU D 137 17.51 -0.58 23.32
C GLU D 137 18.21 0.64 23.81
N VAL D 138 17.49 1.75 23.81
CA VAL D 138 18.02 2.98 24.38
C VAL D 138 18.26 2.86 25.88
N PHE D 139 17.32 2.26 26.62
CA PHE D 139 17.44 2.18 28.09
C PHE D 139 17.90 0.82 28.65
N GLY D 140 18.27 -0.11 27.76
CA GLY D 140 18.59 -1.50 28.14
C GLY D 140 17.60 -2.16 29.10
N VAL D 141 16.30 -1.92 28.93
CA VAL D 141 15.28 -2.48 29.85
C VAL D 141 13.93 -2.91 29.25
N LYS D 142 13.66 -4.20 29.39
CA LYS D 142 12.39 -4.79 28.98
C LYS D 142 11.33 -4.23 29.90
N VAL D 143 10.70 -3.16 29.50
CA VAL D 143 9.59 -2.69 30.30
C VAL D 143 8.59 -3.83 30.36
N LYS D 144 8.38 -4.36 31.56
CA LYS D 144 7.38 -5.38 31.78
C LYS D 144 6.05 -4.71 32.08
N ASN D 145 4.96 -5.37 31.69
CA ASN D 145 3.59 -4.89 31.97
C ASN D 145 3.42 -3.39 31.71
N LEU D 146 3.40 -3.02 30.44
CA LEU D 146 3.50 -1.61 30.08
C LEU D 146 2.14 -0.98 29.86
N GLU D 147 1.93 0.22 30.39
CA GLU D 147 0.74 0.95 29.98
C GLU D 147 1.07 2.24 29.23
N PHE D 148 0.03 2.89 28.78
CA PHE D 148 0.14 4.00 27.89
C PHE D 148 0.38 5.25 28.69
N GLY D 149 1.03 6.23 28.08
CA GLY D 149 1.17 7.53 28.66
C GLY D 149 2.53 7.65 29.28
N LEU D 150 2.68 8.69 30.07
CA LEU D 150 3.96 9.11 30.57
C LEU D 150 4.80 7.98 31.14
N GLN D 151 6.05 7.85 30.72
CA GLN D 151 6.97 6.84 31.23
C GLN D 151 8.06 7.45 32.08
N PRO D 152 8.74 6.64 32.89
CA PRO D 152 9.55 7.28 33.92
C PRO D 152 10.81 7.92 33.41
N HIS D 153 11.38 7.40 32.34
CA HIS D 153 12.65 7.93 31.81
C HIS D 153 12.49 9.02 30.78
N LYS D 154 13.39 9.99 30.91
CA LYS D 154 13.51 11.16 30.04
C LYS D 154 14.36 10.75 28.83
N ILE D 155 14.39 11.55 27.76
CA ILE D 155 15.34 11.25 26.67
C ILE D 155 16.80 11.48 27.11
N PRO D 156 17.67 10.47 26.98
CA PRO D 156 19.03 10.59 27.60
C PRO D 156 19.68 11.88 27.15
N ASP D 157 20.30 12.58 28.08
CA ASP D 157 20.84 13.93 27.86
C ASP D 157 19.79 14.98 27.42
N THR D 158 18.53 14.84 27.83
CA THR D 158 17.54 15.90 27.55
C THR D 158 16.49 16.03 28.67
N GLU D 159 15.55 16.94 28.47
CA GLU D 159 14.41 17.07 29.35
C GLU D 159 13.16 16.60 28.63
N THR D 160 13.33 15.72 27.64
CA THR D 160 12.19 15.32 26.77
C THR D 160 11.53 14.13 27.39
N LEU D 161 10.23 14.20 27.51
CA LEU D 161 9.50 13.07 28.02
C LEU D 161 9.08 12.07 26.91
N CYS D 162 9.03 10.80 27.27
CA CYS D 162 8.39 9.77 26.49
C CYS D 162 7.00 9.55 26.94
N TYR D 163 6.11 9.48 25.96
CA TYR D 163 4.70 9.32 26.23
C TYR D 163 4.16 8.32 25.27
N VAL D 164 3.69 7.17 25.72
CA VAL D 164 3.27 6.09 24.83
C VAL D 164 1.77 6.16 24.50
N MET D 165 1.45 5.97 23.24
CA MET D 165 0.13 6.29 22.68
C MET D 165 -0.31 5.06 21.95
N PRO D 166 -1.58 4.67 22.10
CA PRO D 166 -2.11 3.48 21.41
C PRO D 166 -1.99 3.71 19.93
N SER D 167 -1.46 2.73 19.19
CA SER D 167 -1.25 2.89 17.74
C SER D 167 -2.38 3.62 16.97
N SER D 168 -2.07 4.63 16.16
CA SER D 168 -3.14 5.35 15.39
C SER D 168 -3.79 4.48 14.28
N SER D 169 -3.05 3.45 13.90
CA SER D 169 -3.48 2.42 13.02
C SER D 169 -4.70 1.72 13.61
N ALA D 170 -5.75 1.69 12.81
CA ALA D 170 -6.93 0.93 13.14
C ALA D 170 -6.71 -0.58 12.93
N ARG D 171 -5.49 -0.95 12.52
CA ARG D 171 -5.09 -2.36 12.37
C ARG D 171 -4.88 -2.97 13.77
N CYS D 172 -5.73 -2.55 14.70
CA CYS D 172 -5.56 -2.82 16.12
C CYS D 172 -6.87 -3.18 16.85
N ALA D 173 -6.76 -3.71 18.06
CA ALA D 173 -7.83 -4.52 18.69
C ALA D 173 -9.05 -3.79 19.26
N GLN D 174 -8.90 -2.49 19.52
CA GLN D 174 -9.87 -1.83 20.42
C GLN D 174 -10.97 -0.88 19.80
N PHE D 175 -10.99 0.45 19.94
CA PHE D 175 -9.89 1.42 20.20
C PHE D 175 -8.49 1.10 19.64
N PRO D 176 -8.34 1.02 18.28
CA PRO D 176 -9.11 1.33 17.06
C PRO D 176 -10.62 1.61 17.03
N ARG D 177 -10.91 2.66 16.26
CA ARG D 177 -12.02 3.60 16.37
C ARG D 177 -11.38 4.87 16.97
N ALA D 178 -11.31 5.91 16.14
CA ALA D 178 -10.60 7.14 16.46
C ALA D 178 -10.98 7.79 17.79
N GLN D 179 -12.24 7.61 18.19
CA GLN D 179 -12.81 8.23 19.43
C GLN D 179 -12.76 7.39 20.75
N ASP D 180 -11.73 6.55 20.90
CA ASP D 180 -11.48 5.84 22.17
C ASP D 180 -9.98 5.98 22.54
N LYS D 181 -9.20 6.33 21.52
CA LYS D 181 -7.82 6.74 21.70
C LYS D 181 -7.80 8.24 21.99
N VAL D 182 -8.97 8.85 22.12
CA VAL D 182 -9.02 10.29 22.40
C VAL D 182 -8.61 10.57 23.82
N HIS D 183 -8.90 9.63 24.71
CA HIS D 183 -8.47 9.80 26.08
C HIS D 183 -6.98 10.12 26.12
N TYR D 184 -6.19 9.27 25.47
CA TYR D 184 -4.75 9.43 25.51
C TYR D 184 -4.27 10.66 24.83
N TYR D 185 -5.09 11.16 23.89
CA TYR D 185 -4.82 12.45 23.24
C TYR D 185 -5.12 13.59 24.14
N ILE D 186 -6.22 13.47 24.86
CA ILE D 186 -6.57 14.51 25.82
C ILE D 186 -5.48 14.61 26.84
N LYS D 187 -5.10 13.45 27.38
CA LYS D 187 -4.06 13.39 28.40
C LYS D 187 -2.75 13.98 27.92
N LEU D 188 -2.17 13.39 26.89
CA LEU D 188 -1.10 14.09 26.19
C LEU D 188 -1.34 15.62 26.09
N LYS D 189 -2.45 16.00 25.51
CA LYS D 189 -2.68 17.42 25.37
C LYS D 189 -2.47 18.16 26.71
N ASP D 190 -3.10 17.63 27.78
CA ASP D 190 -3.01 18.22 29.14
C ASP D 190 -1.57 18.20 29.65
N LEU D 191 -0.83 17.15 29.26
CA LEU D 191 0.52 17.00 29.77
C LEU D 191 1.30 18.12 29.18
N ARG D 192 1.11 18.34 27.88
CA ARG D 192 1.64 19.54 27.22
C ARG D 192 1.29 20.81 28.00
N ASP D 193 -0.01 20.97 28.27
CA ASP D 193 -0.51 22.15 28.97
C ASP D 193 0.14 22.41 30.31
N GLN D 194 0.30 21.34 31.08
CA GLN D 194 1.01 21.32 32.36
C GLN D 194 2.43 21.86 32.14
N LEU D 195 3.15 21.27 31.19
CA LEU D 195 4.52 21.63 30.94
C LEU D 195 4.79 23.08 30.53
N LYS D 196 3.75 23.81 30.10
CA LYS D 196 3.93 25.22 29.74
C LYS D 196 3.67 26.13 30.90
N GLY D 197 2.94 25.63 31.88
CA GLY D 197 2.73 26.36 33.13
C GLY D 197 3.96 26.36 34.04
N ILE D 198 4.74 25.28 34.01
CA ILE D 198 5.97 25.15 34.81
C ILE D 198 6.80 26.41 34.66
N GLU D 199 6.91 26.92 33.43
CA GLU D 199 7.72 28.12 33.13
C GLU D 199 6.99 29.48 33.30
N ARG D 200 6.10 29.57 34.28
CA ARG D 200 5.24 30.74 34.49
C ARG D 200 6.03 31.99 34.99
#